data_1VBP
#
_entry.id   1VBP
#
_cell.length_a   212.637
_cell.length_b   212.637
_cell.length_c   212.637
_cell.angle_alpha   90.00
_cell.angle_beta   90.00
_cell.angle_gamma   90.00
#
_symmetry.space_group_name_H-M   'P 41 3 2'
#
loop_
_entity.id
_entity.type
_entity.pdbx_description
1 polymer artocarpin
2 branched alpha-D-mannopyranose-(1-3)-alpha-D-mannopyranose-(1-6)-[alpha-D-mannopyranose-(1-3)]alpha-D-mannopyranose
3 branched alpha-D-mannopyranose-(1-3)-[alpha-D-mannopyranose-(1-6)]alpha-D-mannopyranose
4 non-polymer 'SULFATE ION'
5 water water
#
_entity_poly.entity_id   1
_entity_poly.type   'polypeptide(L)'
_entity_poly.pdbx_seq_one_letter_code
;(AYA)SQTITVGSWGGPGGNGWDDGSYTGIRQIELSYKEAIGSFSVIYDLNGDPFSGPKHTSKLPYKNVKIELKFPDEFL
ESVSGYTGPFSALATPTPVVRSLTFKTNKGRTFGPYGDEEGTYFNLPIENGLIVGFKGRTGDLLDAIGIHMSL
;
_entity_poly.pdbx_strand_id   A,B
#
loop_
_chem_comp.id
_chem_comp.type
_chem_comp.name
_chem_comp.formula
MAN D-saccharide, alpha linking alpha-D-mannopyranose 'C6 H12 O6'
SO4 non-polymer 'SULFATE ION' 'O4 S -2'
#
# COMPACT_ATOMS: atom_id res chain seq x y z
N AYA A 1 -5.57 0.85 24.98
CA AYA A 1 -5.17 1.21 23.61
CB AYA A 1 -6.09 0.05 23.30
C AYA A 1 -4.41 1.98 22.51
O AYA A 1 -5.01 2.76 21.76
CT AYA A 1 -5.80 1.76 25.97
OT AYA A 1 -6.87 2.37 26.05
CM AYA A 1 -4.66 1.96 27.01
N SER A 2 -2.94 2.12 22.62
CA SER A 2 -2.44 2.87 21.48
C SER A 2 -3.13 2.19 20.31
N GLN A 3 -2.76 2.62 19.11
CA GLN A 3 -3.31 2.07 17.88
C GLN A 3 -2.38 2.56 16.81
N THR A 4 -2.09 1.71 15.84
CA THR A 4 -1.18 2.14 14.80
C THR A 4 -1.94 2.28 13.52
N ILE A 5 -1.35 3.00 12.59
CA ILE A 5 -1.98 3.13 11.31
C ILE A 5 -1.88 1.76 10.73
N THR A 6 -3.01 1.23 10.35
CA THR A 6 -3.02 -0.09 9.80
C THR A 6 -3.53 -0.05 8.40
N VAL A 7 -2.65 -0.40 7.48
CA VAL A 7 -3.04 -0.43 6.10
C VAL A 7 -2.87 -1.88 5.76
N GLY A 8 -3.63 -2.35 4.81
CA GLY A 8 -3.45 -3.74 4.47
C GLY A 8 -4.71 -4.54 4.30
N SER A 9 -4.54 -5.85 4.47
CA SER A 9 -5.58 -6.84 4.28
C SER A 9 -5.37 -7.16 2.80
N TRP A 10 -4.29 -7.87 2.53
CA TRP A 10 -3.92 -8.27 1.18
C TRP A 10 -4.10 -9.76 0.97
N GLY A 11 -5.00 -10.14 0.08
CA GLY A 11 -5.24 -11.55 -0.17
C GLY A 11 -6.63 -12.08 0.13
N GLY A 12 -6.73 -13.40 0.27
CA GLY A 12 -7.98 -14.10 0.52
C GLY A 12 -8.94 -13.62 1.61
N PRO A 13 -10.21 -14.01 1.51
CA PRO A 13 -11.22 -13.60 2.50
C PRO A 13 -11.41 -14.76 3.45
N GLY A 14 -10.79 -15.88 3.10
CA GLY A 14 -10.88 -17.09 3.90
C GLY A 14 -9.83 -17.23 4.99
N GLY A 15 -9.59 -18.49 5.40
CA GLY A 15 -8.62 -18.75 6.45
C GLY A 15 -9.17 -18.31 7.81
N ASN A 16 -8.26 -18.04 8.76
CA ASN A 16 -8.64 -17.60 10.09
C ASN A 16 -7.96 -16.30 10.49
N GLY A 17 -8.75 -15.24 10.63
CA GLY A 17 -8.22 -13.95 10.99
C GLY A 17 -7.44 -13.90 12.28
N TRP A 18 -6.29 -13.23 12.24
CA TRP A 18 -5.43 -13.09 13.40
C TRP A 18 -4.72 -11.78 13.33
N ASP A 19 -4.25 -11.29 14.47
CA ASP A 19 -3.52 -10.03 14.53
C ASP A 19 -2.44 -10.07 15.59
N ASP A 20 -1.21 -9.86 15.16
CA ASP A 20 -0.07 -9.88 16.06
C ASP A 20 -0.02 -8.69 16.98
N GLY A 21 -0.59 -7.58 16.56
CA GLY A 21 -0.55 -6.41 17.39
C GLY A 21 0.61 -5.52 16.95
N SER A 22 0.83 -4.43 17.65
CA SER A 22 1.89 -3.51 17.28
C SER A 22 3.02 -3.57 18.30
N TYR A 23 4.25 -3.44 17.84
CA TYR A 23 5.42 -3.51 18.71
C TYR A 23 6.36 -2.32 18.62
N THR A 24 7.65 -2.59 18.61
CA THR A 24 8.65 -1.53 18.54
C THR A 24 9.43 -1.58 17.22
N GLY A 25 9.53 -2.76 16.64
CA GLY A 25 10.25 -2.92 15.38
C GLY A 25 10.35 -4.38 14.95
N ILE A 26 10.76 -4.58 13.71
CA ILE A 26 10.93 -5.92 13.13
C ILE A 26 12.37 -6.42 13.34
N ARG A 27 12.51 -7.59 13.93
CA ARG A 27 13.84 -8.09 14.20
C ARG A 27 14.19 -9.30 13.37
N GLN A 28 13.18 -10.05 12.97
CA GLN A 28 13.40 -11.25 12.17
C GLN A 28 12.08 -11.86 11.73
N ILE A 29 12.10 -12.53 10.58
CA ILE A 29 10.88 -13.15 10.07
C ILE A 29 11.05 -14.57 9.57
N GLU A 30 10.18 -15.46 10.06
CA GLU A 30 10.19 -16.87 9.67
C GLU A 30 8.96 -17.18 8.83
N LEU A 31 9.08 -18.08 7.86
CA LEU A 31 7.92 -18.43 7.04
C LEU A 31 8.24 -19.55 6.06
N SER A 32 7.30 -20.48 5.92
CA SER A 32 7.48 -21.62 5.01
C SER A 32 6.83 -21.25 3.70
N TYR A 33 7.36 -21.79 2.61
CA TYR A 33 6.78 -21.50 1.31
C TYR A 33 7.11 -22.63 0.36
N LYS A 34 6.44 -22.64 -0.79
CA LYS A 34 6.66 -23.64 -1.82
C LYS A 34 6.11 -22.96 -3.06
N GLU A 35 4.86 -23.25 -3.39
CA GLU A 35 4.25 -22.62 -4.55
C GLU A 35 3.43 -21.45 -3.99
N ALA A 36 3.53 -21.26 -2.69
CA ALA A 36 2.85 -20.17 -1.99
C ALA A 36 3.33 -20.13 -0.56
N ILE A 37 3.11 -19.01 0.13
CA ILE A 37 3.54 -18.87 1.51
C ILE A 37 2.67 -19.70 2.43
N GLY A 38 3.30 -20.55 3.22
CA GLY A 38 2.56 -21.38 4.14
C GLY A 38 2.59 -20.78 5.54
N SER A 39 3.61 -21.14 6.30
CA SER A 39 3.74 -20.65 7.66
C SER A 39 4.32 -19.26 7.64
N PHE A 40 4.07 -18.51 8.70
CA PHE A 40 4.58 -17.16 8.83
C PHE A 40 4.58 -16.80 10.29
N SER A 41 5.77 -16.46 10.79
CA SER A 41 5.94 -16.08 12.18
C SER A 41 6.90 -14.91 12.16
N VAL A 42 6.96 -14.15 13.24
CA VAL A 42 7.88 -13.02 13.25
C VAL A 42 8.42 -12.72 14.63
N ILE A 43 9.65 -12.21 14.66
CA ILE A 43 10.28 -11.84 15.90
C ILE A 43 10.46 -10.36 15.92
N TYR A 44 9.62 -9.71 16.71
CA TYR A 44 9.66 -8.27 16.82
C TYR A 44 10.71 -7.83 17.83
N ASP A 45 10.97 -6.53 17.83
CA ASP A 45 11.88 -5.94 18.80
C ASP A 45 10.92 -5.17 19.68
N LEU A 46 11.17 -5.21 20.97
CA LEU A 46 10.30 -4.48 21.86
C LEU A 46 11.14 -3.71 22.85
N ASN A 47 11.51 -2.50 22.47
CA ASN A 47 12.30 -1.66 23.33
C ASN A 47 13.72 -2.20 23.45
N GLY A 48 14.36 -2.45 22.31
CA GLY A 48 15.72 -2.93 22.33
C GLY A 48 15.91 -4.43 22.47
N ASP A 49 14.93 -5.13 23.04
CA ASP A 49 15.06 -6.57 23.21
C ASP A 49 14.04 -7.36 22.40
N PRO A 50 14.46 -8.51 21.86
CA PRO A 50 13.64 -9.41 21.04
C PRO A 50 12.39 -9.92 21.75
N PHE A 51 11.31 -10.04 20.99
CA PHE A 51 10.05 -10.57 21.52
C PHE A 51 9.42 -11.52 20.49
N SER A 52 9.36 -12.80 20.86
CA SER A 52 8.82 -13.85 20.01
C SER A 52 7.32 -13.63 19.80
N GLY A 53 6.94 -13.32 18.56
CA GLY A 53 5.52 -13.09 18.28
C GLY A 53 4.70 -14.36 18.13
N PRO A 54 3.36 -14.27 18.12
CA PRO A 54 2.46 -15.42 17.97
C PRO A 54 2.75 -16.19 16.69
N LYS A 55 2.67 -17.53 16.76
CA LYS A 55 2.97 -18.38 15.61
C LYS A 55 1.79 -18.64 14.68
N HIS A 56 2.08 -18.63 13.38
CA HIS A 56 1.06 -18.89 12.36
C HIS A 56 1.65 -19.92 11.41
N THR A 57 1.91 -21.10 11.99
CA THR A 57 2.50 -22.22 11.28
C THR A 57 1.54 -22.98 10.39
N SER A 58 2.11 -23.69 9.43
CA SER A 58 1.34 -24.47 8.47
C SER A 58 1.88 -25.89 8.31
N LYS A 59 1.01 -26.88 8.45
CA LYS A 59 1.40 -28.27 8.34
C LYS A 59 2.14 -28.58 7.02
N LEU A 60 1.80 -27.86 5.96
CA LEU A 60 2.41 -28.05 4.65
C LEU A 60 3.92 -28.24 4.71
N PRO A 61 4.43 -29.22 3.96
CA PRO A 61 5.86 -29.57 3.88
C PRO A 61 6.59 -28.52 3.05
N TYR A 62 6.50 -27.28 3.50
CA TYR A 62 7.13 -26.17 2.80
C TYR A 62 8.56 -25.90 3.20
N LYS A 63 9.16 -24.94 2.52
CA LYS A 63 10.52 -24.54 2.78
C LYS A 63 10.56 -23.44 3.86
N ASN A 64 11.39 -23.65 4.89
CA ASN A 64 11.50 -22.66 5.97
C ASN A 64 12.61 -21.68 5.68
N VAL A 65 12.43 -20.44 6.11
CA VAL A 65 13.43 -19.39 5.91
C VAL A 65 13.41 -18.41 7.05
N LYS A 66 14.58 -18.13 7.61
CA LYS A 66 14.69 -17.15 8.68
C LYS A 66 15.27 -15.90 8.06
N ILE A 67 14.58 -14.78 8.22
CA ILE A 67 15.03 -13.52 7.66
C ILE A 67 15.60 -12.70 8.79
N GLU A 68 16.93 -12.72 8.91
CA GLU A 68 17.60 -11.99 9.96
C GLU A 68 17.91 -10.56 9.52
N LEU A 69 17.29 -9.59 10.20
CA LEU A 69 17.49 -8.18 9.90
C LEU A 69 18.56 -7.52 10.76
N LYS A 70 19.40 -6.71 10.11
CA LYS A 70 20.47 -5.99 10.80
C LYS A 70 19.86 -4.89 11.67
N PHE A 71 18.85 -5.25 12.44
CA PHE A 71 18.17 -4.33 13.33
C PHE A 71 19.16 -3.78 14.34
N PRO A 72 19.00 -2.49 14.69
CA PRO A 72 17.95 -1.59 14.22
C PRO A 72 18.37 -0.69 13.06
N ASP A 73 19.61 -0.83 12.62
CA ASP A 73 20.07 0.01 11.53
C ASP A 73 19.25 -0.35 10.30
N GLU A 74 18.90 -1.63 10.18
CA GLU A 74 18.15 -2.11 9.03
C GLU A 74 16.71 -2.45 9.41
N PHE A 75 15.78 -2.14 8.52
CA PHE A 75 14.36 -2.40 8.72
C PHE A 75 13.69 -2.35 7.34
N LEU A 76 12.55 -3.01 7.20
CA LEU A 76 11.89 -3.07 5.90
C LEU A 76 11.60 -1.72 5.27
N GLU A 77 11.85 -1.65 3.98
CA GLU A 77 11.61 -0.45 3.20
C GLU A 77 10.34 -0.67 2.38
N SER A 78 10.05 -1.94 2.08
CA SER A 78 8.85 -2.26 1.29
C SER A 78 8.46 -3.72 1.36
N VAL A 79 7.17 -3.96 1.16
CA VAL A 79 6.68 -5.33 1.17
C VAL A 79 5.87 -5.49 -0.10
N SER A 80 6.16 -6.58 -0.80
CA SER A 80 5.47 -6.88 -2.05
C SER A 80 5.17 -8.36 -2.04
N GLY A 81 4.39 -8.80 -3.02
CA GLY A 81 4.05 -10.21 -3.10
C GLY A 81 2.86 -10.40 -4.01
N TYR A 82 2.50 -11.66 -4.26
CA TYR A 82 1.37 -11.95 -5.11
C TYR A 82 0.33 -12.76 -4.35
N THR A 83 -0.91 -12.61 -4.80
CA THR A 83 -2.04 -13.29 -4.22
C THR A 83 -2.80 -13.96 -5.36
N GLY A 84 -3.49 -15.06 -5.05
CA GLY A 84 -4.23 -15.74 -6.10
C GLY A 84 -4.64 -17.12 -5.63
N PRO A 85 -5.67 -17.73 -6.24
CA PRO A 85 -6.15 -19.07 -5.87
C PRO A 85 -5.06 -20.13 -6.00
N PHE A 86 -5.26 -21.28 -5.36
CA PHE A 86 -4.23 -22.29 -5.40
C PHE A 86 -4.63 -23.63 -5.98
N SER A 87 -3.89 -24.05 -7.01
CA SER A 87 -4.11 -25.34 -7.66
C SER A 87 -4.30 -26.39 -6.55
N ALA A 88 -3.33 -26.46 -5.65
CA ALA A 88 -3.28 -27.42 -4.55
C ALA A 88 -4.31 -27.30 -3.43
N LEU A 89 -5.24 -26.37 -3.53
CA LEU A 89 -6.22 -26.22 -2.47
C LEU A 89 -7.61 -26.64 -2.87
N ALA A 90 -8.37 -27.07 -1.88
CA ALA A 90 -9.75 -27.47 -2.14
C ALA A 90 -10.51 -26.17 -2.40
N THR A 91 -10.36 -25.22 -1.47
CA THR A 91 -11.04 -23.94 -1.59
C THR A 91 -10.59 -23.10 -2.78
N PRO A 92 -11.56 -22.44 -3.42
CA PRO A 92 -11.26 -21.60 -4.58
C PRO A 92 -10.95 -20.15 -4.21
N THR A 93 -10.68 -19.87 -2.92
CA THR A 93 -10.35 -18.51 -2.50
C THR A 93 -8.89 -18.24 -2.87
N PRO A 94 -8.42 -16.99 -2.73
CA PRO A 94 -7.03 -16.62 -3.04
C PRO A 94 -6.16 -16.67 -1.81
N VAL A 95 -4.85 -16.66 -2.01
CA VAL A 95 -3.91 -16.71 -0.88
C VAL A 95 -2.59 -16.02 -1.22
N VAL A 96 -1.73 -15.92 -0.23
CA VAL A 96 -0.44 -15.31 -0.44
C VAL A 96 0.46 -16.30 -1.17
N ARG A 97 0.49 -16.16 -2.49
CA ARG A 97 1.30 -17.05 -3.30
C ARG A 97 2.77 -16.68 -3.18
N SER A 98 3.05 -15.37 -3.17
CA SER A 98 4.43 -14.89 -3.05
C SER A 98 4.56 -13.83 -1.99
N LEU A 99 5.80 -13.45 -1.71
CA LEU A 99 6.07 -12.45 -0.68
C LEU A 99 7.52 -12.00 -0.82
N THR A 100 7.72 -10.69 -0.94
CA THR A 100 9.07 -10.15 -1.10
C THR A 100 9.34 -9.00 -0.16
N PHE A 101 10.31 -9.20 0.72
CA PHE A 101 10.67 -8.18 1.68
C PHE A 101 11.95 -7.50 1.27
N LYS A 102 11.89 -6.17 1.18
CA LYS A 102 13.03 -5.35 0.80
C LYS A 102 13.39 -4.44 1.97
N THR A 103 14.69 -4.35 2.25
CA THR A 103 15.18 -3.54 3.36
C THR A 103 15.85 -2.24 2.89
N ASN A 104 16.06 -1.32 3.82
CA ASN A 104 16.68 -0.03 3.55
C ASN A 104 18.17 -0.07 3.23
N LYS A 105 18.82 -1.21 3.51
CA LYS A 105 20.23 -1.34 3.23
C LYS A 105 20.43 -2.04 1.90
N GLY A 106 19.39 -1.97 1.06
CA GLY A 106 19.46 -2.58 -0.25
C GLY A 106 19.40 -4.09 -0.26
N ARG A 107 19.10 -4.70 0.87
CA ARG A 107 19.02 -6.16 0.92
C ARG A 107 17.62 -6.54 0.47
N THR A 108 17.51 -7.74 -0.09
CA THR A 108 16.23 -8.27 -0.56
C THR A 108 16.02 -9.71 -0.16
N PHE A 109 14.82 -10.01 0.31
CA PHE A 109 14.50 -11.36 0.74
C PHE A 109 13.37 -11.90 -0.10
N GLY A 110 13.64 -13.01 -0.76
CA GLY A 110 12.66 -13.62 -1.62
C GLY A 110 12.96 -13.14 -3.02
N PRO A 111 11.96 -13.08 -3.91
CA PRO A 111 10.58 -13.44 -3.60
C PRO A 111 10.45 -14.90 -3.19
N TYR A 112 9.51 -15.15 -2.30
CA TYR A 112 9.25 -16.48 -1.81
C TYR A 112 7.94 -16.94 -2.42
N GLY A 113 7.87 -18.23 -2.71
CA GLY A 113 6.66 -18.77 -3.29
C GLY A 113 6.58 -18.48 -4.78
N ASP A 114 5.35 -18.29 -5.24
CA ASP A 114 5.09 -18.03 -6.65
C ASP A 114 4.65 -16.61 -6.95
N GLU A 115 5.28 -16.01 -7.97
CA GLU A 115 4.93 -14.67 -8.38
C GLU A 115 3.82 -14.77 -9.41
N GLU A 116 2.67 -15.30 -8.99
CA GLU A 116 1.52 -15.49 -9.87
C GLU A 116 0.29 -14.75 -9.35
N GLY A 117 -0.53 -14.22 -10.25
CA GLY A 117 -1.75 -13.52 -9.84
C GLY A 117 -1.62 -12.02 -9.67
N THR A 118 -2.53 -11.44 -8.90
CA THR A 118 -2.52 -10.00 -8.66
C THR A 118 -1.41 -9.56 -7.70
N TYR A 119 -0.55 -8.67 -8.20
CA TYR A 119 0.58 -8.15 -7.44
C TYR A 119 0.15 -7.07 -6.47
N PHE A 120 0.89 -6.92 -5.37
CA PHE A 120 0.61 -5.89 -4.39
C PHE A 120 1.92 -5.33 -3.83
N ASN A 121 2.01 -4.00 -3.83
CA ASN A 121 3.21 -3.35 -3.34
C ASN A 121 2.95 -2.19 -2.38
N LEU A 122 3.69 -2.21 -1.29
CA LEU A 122 3.59 -1.22 -0.23
C LEU A 122 4.94 -0.46 -0.06
N PRO A 123 5.17 0.58 -0.87
CA PRO A 123 6.43 1.34 -0.76
C PRO A 123 6.35 2.30 0.40
N ILE A 124 7.27 2.18 1.35
CA ILE A 124 7.24 3.09 2.51
C ILE A 124 8.30 4.16 2.44
N GLU A 125 7.89 5.42 2.40
CA GLU A 125 8.86 6.50 2.33
C GLU A 125 9.23 7.02 3.70
N ASN A 126 8.29 7.00 4.62
CA ASN A 126 8.56 7.45 5.98
C ASN A 126 7.70 6.68 6.96
N GLY A 127 8.38 5.99 7.88
CA GLY A 127 7.68 5.19 8.86
C GLY A 127 8.23 3.78 8.88
N LEU A 128 7.78 2.98 9.86
CA LEU A 128 8.26 1.60 9.98
C LEU A 128 7.10 0.68 10.22
N ILE A 129 7.20 -0.52 9.64
CA ILE A 129 6.16 -1.50 9.88
C ILE A 129 6.54 -2.01 11.26
N VAL A 130 5.55 -2.04 12.13
CA VAL A 130 5.77 -2.46 13.49
C VAL A 130 4.79 -3.58 13.87
N GLY A 131 3.95 -3.99 12.94
CA GLY A 131 3.03 -5.06 13.24
C GLY A 131 2.50 -5.76 12.01
N PHE A 132 2.16 -7.02 12.17
CA PHE A 132 1.62 -7.80 11.06
C PHE A 132 0.21 -8.34 11.36
N LYS A 133 -0.69 -8.16 10.41
CA LYS A 133 -2.04 -8.65 10.58
C LYS A 133 -2.23 -9.63 9.44
N GLY A 134 -3.19 -10.53 9.56
CA GLY A 134 -3.41 -11.48 8.49
C GLY A 134 -4.43 -12.55 8.78
N ARG A 135 -4.50 -13.52 7.87
CA ARG A 135 -5.39 -14.65 7.98
C ARG A 135 -4.65 -15.90 7.52
N THR A 136 -4.72 -16.97 8.29
CA THR A 136 -4.05 -18.20 7.91
C THR A 136 -4.94 -19.41 8.10
N GLY A 137 -5.24 -20.11 7.01
CA GLY A 137 -6.07 -21.29 7.10
C GLY A 137 -5.17 -22.51 7.16
N ASP A 138 -4.84 -23.04 5.99
CA ASP A 138 -3.93 -24.17 5.90
C ASP A 138 -2.61 -23.51 5.54
N LEU A 139 -2.69 -22.29 4.98
CA LEU A 139 -1.50 -21.50 4.64
C LEU A 139 -1.86 -20.03 4.69
N LEU A 140 -0.85 -19.18 4.61
CA LEU A 140 -1.11 -17.76 4.67
C LEU A 140 -2.17 -17.36 3.67
N ASP A 141 -3.36 -17.06 4.17
CA ASP A 141 -4.45 -16.62 3.30
C ASP A 141 -4.27 -15.17 2.88
N ALA A 142 -4.05 -14.30 3.86
CA ALA A 142 -3.87 -12.88 3.59
C ALA A 142 -2.90 -12.22 4.56
N ILE A 143 -2.58 -10.95 4.34
CA ILE A 143 -1.65 -10.26 5.22
C ILE A 143 -1.66 -8.75 5.08
N GLY A 144 -1.43 -8.08 6.22
CA GLY A 144 -1.41 -6.63 6.29
C GLY A 144 -0.37 -6.14 7.28
N ILE A 145 -0.31 -4.84 7.52
CA ILE A 145 0.70 -4.32 8.44
C ILE A 145 0.31 -3.10 9.25
N HIS A 146 1.07 -2.91 10.32
CA HIS A 146 0.90 -1.81 11.24
C HIS A 146 2.10 -0.89 11.04
N MET A 147 1.91 0.41 11.28
CA MET A 147 3.00 1.35 11.12
C MET A 147 2.99 2.53 12.06
N SER A 148 4.19 3.02 12.36
CA SER A 148 4.37 4.19 13.20
C SER A 148 5.68 4.81 12.76
N LEU A 149 6.05 5.92 13.39
CA LEU A 149 7.29 6.62 13.05
C LEU A 149 8.42 6.25 14.02
N AYA B 1 9.99 20.07 12.65
CA AYA B 1 9.40 19.86 11.32
CB AYA B 1 10.06 19.16 10.14
C AYA B 1 8.62 18.57 11.61
O AYA B 1 9.11 17.48 11.37
CT AYA B 1 9.70 21.34 12.99
OT AYA B 1 10.58 22.18 13.10
CM AYA B 1 8.25 21.68 13.29
N SER B 2 7.54 18.20 12.53
CA SER B 2 6.49 17.23 12.22
C SER B 2 6.68 16.56 10.89
N GLN B 3 6.39 15.26 10.88
CA GLN B 3 6.49 14.43 9.69
C GLN B 3 5.28 13.51 9.75
N THR B 4 5.07 12.69 8.73
CA THR B 4 3.92 11.80 8.74
C THR B 4 4.27 10.49 8.07
N ILE B 5 3.58 9.42 8.45
CA ILE B 5 3.87 8.17 7.78
C ILE B 5 3.52 8.43 6.33
N THR B 6 4.50 8.23 5.47
CA THR B 6 4.27 8.45 4.06
C THR B 6 4.58 7.20 3.29
N VAL B 7 3.55 6.53 2.84
CA VAL B 7 3.72 5.34 2.05
C VAL B 7 3.49 5.84 0.64
N GLY B 8 3.99 5.12 -0.35
CA GLY B 8 3.75 5.60 -1.69
C GLY B 8 4.89 5.63 -2.67
N SER B 9 4.54 6.19 -3.83
CA SER B 9 5.39 6.32 -5.00
C SER B 9 4.86 5.26 -5.96
N TRP B 10 3.57 5.33 -6.27
CA TRP B 10 2.97 4.40 -7.22
C TRP B 10 3.03 5.12 -8.55
N GLY B 11 3.74 4.55 -9.51
CA GLY B 11 3.85 5.20 -10.79
C GLY B 11 5.26 5.31 -11.30
N GLY B 12 5.46 6.19 -12.28
CA GLY B 12 6.75 6.37 -12.89
C GLY B 12 7.69 7.38 -12.26
N PRO B 13 8.99 7.29 -12.59
CA PRO B 13 10.00 8.20 -12.06
C PRO B 13 10.13 9.45 -12.93
N GLY B 14 9.27 9.54 -13.96
CA GLY B 14 9.31 10.67 -14.86
C GLY B 14 8.66 11.94 -14.35
N GLY B 15 8.27 12.83 -15.26
CA GLY B 15 7.62 14.07 -14.89
C GLY B 15 8.40 14.83 -13.83
N ASN B 16 7.86 15.95 -13.38
CA ASN B 16 8.50 16.78 -12.34
C ASN B 16 7.86 16.48 -10.99
N GLY B 17 8.71 16.34 -9.96
CA GLY B 17 8.23 16.01 -8.63
C GLY B 17 7.53 17.05 -7.77
N TRP B 18 6.73 16.56 -6.81
CA TRP B 18 5.98 17.41 -5.89
C TRP B 18 5.51 16.68 -4.65
N ASP B 19 5.01 17.46 -3.70
CA ASP B 19 4.49 16.95 -2.44
C ASP B 19 3.66 18.04 -1.78
N ASP B 20 2.34 17.85 -1.79
CA ASP B 20 1.41 18.80 -1.21
C ASP B 20 1.67 19.04 0.27
N GLY B 21 1.85 17.96 1.02
CA GLY B 21 2.09 18.09 2.44
C GLY B 21 1.07 17.36 3.31
N SER B 22 1.19 17.56 4.61
CA SER B 22 0.30 16.92 5.55
C SER B 22 -0.69 17.95 6.07
N TYR B 23 -1.97 17.61 6.02
CA TYR B 23 -3.03 18.52 6.47
C TYR B 23 -3.89 17.88 7.56
N THR B 24 -5.13 18.33 7.71
CA THR B 24 -6.02 17.76 8.73
C THR B 24 -6.90 16.66 8.14
N GLY B 25 -7.18 16.76 6.85
CA GLY B 25 -8.00 15.78 6.17
C GLY B 25 -8.35 16.14 4.73
N ILE B 26 -9.02 15.23 4.04
CA ILE B 26 -9.39 15.49 2.66
C ILE B 26 -10.85 15.85 2.54
N ARG B 27 -11.12 16.98 1.89
CA ARG B 27 -12.48 17.47 1.72
C ARG B 27 -12.94 17.27 0.29
N GLN B 28 -12.03 17.49 -0.66
CA GLN B 28 -12.38 17.31 -2.05
C GLN B 28 -11.17 17.07 -2.96
N ILE B 29 -11.39 16.27 -4.01
CA ILE B 29 -10.35 15.93 -4.96
C ILE B 29 -10.77 16.20 -6.38
N GLU B 30 -10.04 17.08 -7.08
CA GLU B 30 -10.37 17.37 -8.46
C GLU B 30 -9.33 16.73 -9.39
N LEU B 31 -9.74 16.35 -10.60
CA LEU B 31 -8.79 15.75 -11.54
C LEU B 31 -9.33 15.51 -12.96
N SER B 32 -8.41 15.43 -13.94
CA SER B 32 -8.74 15.21 -15.35
C SER B 32 -8.24 13.85 -15.86
N TYR B 33 -9.12 13.11 -16.51
CA TYR B 33 -8.78 11.79 -17.01
C TYR B 33 -9.32 11.51 -18.40
N LYS B 34 -8.60 10.66 -19.13
CA LYS B 34 -8.99 10.24 -20.48
C LYS B 34 -8.49 8.81 -20.60
N GLU B 35 -7.37 8.62 -21.29
CA GLU B 35 -6.78 7.30 -21.44
C GLU B 35 -5.76 7.17 -20.34
N ALA B 36 -5.70 8.22 -19.52
CA ALA B 36 -4.78 8.28 -18.39
C ALA B 36 -5.19 9.40 -17.46
N ILE B 37 -4.41 9.60 -16.42
CA ILE B 37 -4.71 10.63 -15.46
C ILE B 37 -3.80 11.84 -15.65
N GLY B 38 -4.42 13.01 -15.81
CA GLY B 38 -3.63 14.21 -16.00
C GLY B 38 -3.64 15.13 -14.79
N SER B 39 -4.55 16.10 -14.82
CA SER B 39 -4.68 17.08 -13.74
C SER B 39 -5.11 16.40 -12.44
N PHE B 40 -4.57 16.89 -11.33
CA PHE B 40 -4.91 16.33 -10.02
C PHE B 40 -4.64 17.36 -8.92
N SER B 41 -5.71 17.97 -8.44
CA SER B 41 -5.62 18.96 -7.38
C SER B 41 -6.45 18.40 -6.23
N VAL B 42 -6.44 19.09 -5.11
CA VAL B 42 -7.23 18.61 -3.98
C VAL B 42 -7.40 19.68 -2.93
N ILE B 43 -8.53 19.60 -2.25
CA ILE B 43 -8.83 20.55 -1.20
C ILE B 43 -8.81 19.80 0.10
N TYR B 44 -7.76 20.06 0.87
CA TYR B 44 -7.57 19.43 2.17
C TYR B 44 -8.32 20.23 3.23
N ASP B 45 -8.50 19.61 4.40
CA ASP B 45 -9.14 20.28 5.52
C ASP B 45 -8.03 20.74 6.45
N LEU B 46 -8.17 21.94 7.00
CA LEU B 46 -7.14 22.42 7.90
C LEU B 46 -7.74 22.90 9.20
N ASN B 47 -7.97 21.94 10.09
CA ASN B 47 -8.56 22.26 11.38
C ASN B 47 -9.94 22.83 11.13
N GLY B 48 -10.79 22.04 10.47
CA GLY B 48 -12.14 22.49 10.23
C GLY B 48 -12.38 23.34 9.00
N ASP B 49 -11.37 24.03 8.52
CA ASP B 49 -11.61 24.85 7.34
C ASP B 49 -10.86 24.41 6.10
N PRO B 50 -11.51 24.58 4.93
CA PRO B 50 -10.99 24.22 3.60
C PRO B 50 -9.69 24.91 3.23
N PHE B 51 -8.71 24.11 2.82
CA PHE B 51 -7.45 24.65 2.37
C PHE B 51 -7.18 24.11 0.98
N SER B 52 -7.12 25.03 0.02
CA SER B 52 -6.89 24.70 -1.38
C SER B 52 -5.45 24.25 -1.61
N GLY B 53 -5.27 22.98 -1.95
CA GLY B 53 -3.93 22.46 -2.17
C GLY B 53 -3.32 22.94 -3.48
N PRO B 54 -1.98 23.01 -3.59
CA PRO B 54 -1.29 23.44 -4.80
C PRO B 54 -1.81 22.72 -6.03
N LYS B 55 -1.71 23.37 -7.18
CA LYS B 55 -2.21 22.80 -8.42
C LYS B 55 -1.24 21.88 -9.16
N HIS B 56 -1.78 20.80 -9.70
CA HIS B 56 -1.00 19.84 -10.47
C HIS B 56 -1.78 19.52 -11.73
N THR B 57 -2.03 20.57 -12.50
CA THR B 57 -2.81 20.50 -13.73
C THR B 57 -2.04 20.19 -15.02
N SER B 58 -2.62 19.31 -15.83
CA SER B 58 -2.06 18.85 -17.10
C SER B 58 -2.70 19.55 -18.29
N LYS B 59 -1.86 20.07 -19.18
CA LYS B 59 -2.32 20.78 -20.38
C LYS B 59 -3.38 20.04 -21.18
N LEU B 60 -3.15 18.75 -21.38
CA LEU B 60 -4.05 17.88 -22.12
C LEU B 60 -5.52 18.17 -21.87
N PRO B 61 -6.37 17.91 -22.88
CA PRO B 61 -7.82 18.11 -22.86
C PRO B 61 -8.61 16.91 -22.31
N TYR B 62 -8.45 16.61 -21.04
CA TYR B 62 -9.17 15.49 -20.44
C TYR B 62 -10.49 15.91 -19.82
N LYS B 63 -11.30 14.93 -19.42
CA LYS B 63 -12.58 15.19 -18.81
C LYS B 63 -12.32 15.42 -17.32
N ASN B 64 -12.83 16.54 -16.79
CA ASN B 64 -12.62 16.90 -15.38
C ASN B 64 -13.68 16.35 -14.44
N VAL B 65 -13.29 16.15 -13.18
CA VAL B 65 -14.21 15.65 -12.16
C VAL B 65 -13.94 16.19 -10.78
N LYS B 66 -15.02 16.45 -10.06
CA LYS B 66 -14.95 16.96 -8.72
C LYS B 66 -15.34 15.80 -7.81
N ILE B 67 -14.48 15.49 -6.86
CA ILE B 67 -14.78 14.43 -5.92
C ILE B 67 -15.06 15.12 -4.61
N GLU B 68 -16.34 15.36 -4.34
CA GLU B 68 -16.71 16.05 -3.12
C GLU B 68 -17.02 15.05 -2.02
N LEU B 69 -16.09 14.95 -1.07
CA LEU B 69 -16.24 14.03 0.04
C LEU B 69 -17.15 14.63 1.11
N LYS B 70 -18.00 13.79 1.69
CA LYS B 70 -18.90 14.25 2.74
C LYS B 70 -18.13 14.29 4.06
N PHE B 71 -17.06 15.07 4.06
CA PHE B 71 -16.22 15.25 5.24
C PHE B 71 -17.10 15.90 6.30
N PRO B 72 -16.79 15.67 7.59
CA PRO B 72 -15.71 14.86 8.15
C PRO B 72 -16.23 13.46 8.45
N ASP B 73 -17.46 13.19 8.06
CA ASP B 73 -18.04 11.89 8.31
C ASP B 73 -17.44 10.87 7.36
N GLU B 74 -17.18 11.30 6.13
CA GLU B 74 -16.62 10.44 5.08
C GLU B 74 -15.18 10.82 4.73
N PHE B 75 -14.37 9.80 4.39
CA PHE B 75 -12.95 9.99 4.06
C PHE B 75 -12.53 8.69 3.39
N LEU B 76 -11.55 8.75 2.50
CA LEU B 76 -11.14 7.56 1.77
C LEU B 76 -10.75 6.38 2.63
N GLU B 77 -11.17 5.22 2.16
CA GLU B 77 -10.92 3.95 2.81
C GLU B 77 -9.98 3.13 1.92
N SER B 78 -9.77 3.60 0.70
CA SER B 78 -8.92 2.90 -0.24
C SER B 78 -8.58 3.69 -1.49
N VAL B 79 -7.47 3.30 -2.12
CA VAL B 79 -7.02 3.94 -3.33
C VAL B 79 -6.47 2.86 -4.25
N SER B 80 -7.15 2.67 -5.37
CA SER B 80 -6.71 1.70 -6.34
C SER B 80 -6.23 2.53 -7.53
N GLY B 81 -5.82 1.87 -8.60
CA GLY B 81 -5.36 2.61 -9.76
C GLY B 81 -4.34 1.81 -10.53
N TYR B 82 -4.06 2.22 -11.76
CA TYR B 82 -3.09 1.53 -12.61
C TYR B 82 -1.97 2.43 -13.09
N THR B 83 -0.84 1.80 -13.41
CA THR B 83 0.33 2.52 -13.88
C THR B 83 1.04 1.71 -14.95
N GLY B 84 1.85 2.38 -15.76
CA GLY B 84 2.57 1.69 -16.81
C GLY B 84 2.89 2.65 -17.94
N PRO B 85 3.70 2.21 -18.92
CA PRO B 85 4.06 3.07 -20.05
C PRO B 85 2.81 3.66 -20.68
N PHE B 86 2.94 4.28 -21.85
CA PHE B 86 1.79 4.87 -22.51
C PHE B 86 2.17 5.34 -23.89
N SER B 87 1.27 5.12 -24.86
CA SER B 87 1.49 5.56 -26.23
C SER B 87 1.44 7.08 -26.19
N ALA B 88 0.93 7.69 -27.26
CA ALA B 88 0.80 9.15 -27.35
C ALA B 88 1.79 9.97 -26.50
N LEU B 89 2.95 9.39 -26.20
CA LEU B 89 3.95 10.06 -25.37
C LEU B 89 5.38 9.75 -25.77
N ALA B 90 6.17 10.79 -25.97
CA ALA B 90 7.56 10.61 -26.34
C ALA B 90 8.31 9.83 -25.24
N THR B 91 8.01 10.13 -23.99
CA THR B 91 8.66 9.45 -22.88
C THR B 91 8.15 8.02 -22.70
N PRO B 92 9.07 7.08 -22.43
CA PRO B 92 8.77 5.66 -22.23
C PRO B 92 8.50 5.29 -20.76
N THR B 93 8.72 6.22 -19.85
CA THR B 93 8.50 5.95 -18.44
C THR B 93 7.01 5.67 -18.20
N PRO B 94 6.68 5.10 -17.03
CA PRO B 94 5.31 4.76 -16.62
C PRO B 94 4.58 5.93 -15.95
N VAL B 95 3.25 5.89 -16.01
CA VAL B 95 2.44 6.92 -15.37
C VAL B 95 1.10 6.39 -14.89
N VAL B 96 0.42 7.18 -14.09
CA VAL B 96 -0.87 6.77 -13.57
C VAL B 96 -1.86 6.77 -14.73
N ARG B 97 -2.36 5.60 -15.06
CA ARG B 97 -3.32 5.47 -16.14
C ARG B 97 -4.74 5.49 -15.58
N SER B 98 -4.89 5.11 -14.32
CA SER B 98 -6.22 5.08 -13.72
C SER B 98 -6.22 5.15 -12.19
N LEU B 99 -7.31 5.68 -11.64
CA LEU B 99 -7.46 5.81 -10.21
C LEU B 99 -8.84 5.40 -9.76
N THR B 100 -8.92 4.93 -8.52
CA THR B 100 -10.18 4.47 -7.96
C THR B 100 -10.21 4.75 -6.47
N PHE B 101 -11.17 5.59 -6.08
CA PHE B 101 -11.31 5.97 -4.68
C PHE B 101 -12.52 5.40 -4.02
N LYS B 102 -12.30 4.52 -3.05
CA LYS B 102 -13.39 3.90 -2.30
C LYS B 102 -13.48 4.66 -0.98
N THR B 103 -14.69 4.82 -0.46
CA THR B 103 -14.84 5.54 0.79
C THR B 103 -15.58 4.77 1.86
N ASN B 104 -15.33 5.18 3.10
CA ASN B 104 -15.91 4.57 4.29
C ASN B 104 -17.41 4.49 4.30
N LYS B 105 -18.07 5.34 3.52
CA LYS B 105 -19.52 5.30 3.45
C LYS B 105 -19.99 4.40 2.31
N GLY B 106 -19.05 3.65 1.74
CA GLY B 106 -19.38 2.71 0.67
C GLY B 106 -19.58 3.29 -0.71
N ARG B 107 -19.16 4.55 -0.90
CA ARG B 107 -19.29 5.19 -2.19
C ARG B 107 -18.01 4.98 -2.99
N THR B 108 -18.13 4.79 -4.29
CA THR B 108 -16.96 4.55 -5.12
C THR B 108 -16.80 5.55 -6.27
N PHE B 109 -15.59 6.11 -6.37
CA PHE B 109 -15.28 7.08 -7.41
C PHE B 109 -14.32 6.48 -8.40
N GLY B 110 -14.75 6.43 -9.66
CA GLY B 110 -13.93 5.87 -10.70
C GLY B 110 -14.44 4.49 -11.02
N PRO B 111 -13.63 3.65 -11.68
CA PRO B 111 -12.26 3.95 -12.11
C PRO B 111 -12.19 5.06 -13.15
N TYR B 112 -11.19 5.92 -12.97
CA TYR B 112 -10.96 7.03 -13.87
C TYR B 112 -9.74 6.73 -14.73
N GLY B 113 -9.94 6.80 -16.05
CA GLY B 113 -8.86 6.53 -16.97
C GLY B 113 -8.97 5.15 -17.58
N ASP B 114 -7.88 4.73 -18.22
CA ASP B 114 -7.81 3.41 -18.84
C ASP B 114 -7.21 2.48 -17.77
N GLU B 115 -7.84 1.33 -17.55
CA GLU B 115 -7.32 0.39 -16.58
C GLU B 115 -6.24 -0.45 -17.26
N GLU B 116 -5.14 0.18 -17.64
CA GLU B 116 -4.05 -0.49 -18.34
C GLU B 116 -2.71 -0.51 -17.59
N GLY B 117 -2.13 -1.70 -17.43
CA GLY B 117 -0.84 -1.76 -16.75
C GLY B 117 -0.77 -2.66 -15.55
N THR B 118 -0.16 -2.16 -14.47
CA THR B 118 -0.02 -2.90 -13.23
C THR B 118 -0.83 -2.24 -12.11
N TYR B 119 -1.79 -2.99 -11.58
CA TYR B 119 -2.68 -2.53 -10.52
C TYR B 119 -2.00 -2.35 -9.20
N PHE B 120 -2.50 -1.41 -8.42
CA PHE B 120 -1.98 -1.16 -7.08
C PHE B 120 -3.17 -0.80 -6.19
N ASN B 121 -3.17 -1.35 -4.98
CA ASN B 121 -4.23 -1.09 -4.02
C ASN B 121 -3.72 -0.69 -2.64
N LEU B 122 -4.18 0.45 -2.14
CA LEU B 122 -3.78 0.86 -0.81
C LEU B 122 -5.04 0.76 0.04
N PRO B 123 -5.23 -0.37 0.72
CA PRO B 123 -6.40 -0.55 1.56
C PRO B 123 -6.12 -0.15 3.00
N ILE B 124 -6.79 0.91 3.43
CA ILE B 124 -6.61 1.39 4.78
C ILE B 124 -7.58 0.71 5.74
N GLU B 125 -7.00 0.09 6.75
CA GLU B 125 -7.75 -0.61 7.76
C GLU B 125 -8.10 0.37 8.87
N ASN B 126 -7.06 1.04 9.36
CA ASN B 126 -7.19 2.02 10.42
C ASN B 126 -6.23 3.18 10.18
N GLY B 127 -6.79 4.34 9.87
CA GLY B 127 -5.97 5.51 9.60
C GLY B 127 -6.55 6.42 8.53
N LEU B 128 -5.95 7.60 8.36
CA LEU B 128 -6.44 8.56 7.38
C LEU B 128 -5.40 9.12 6.41
N ILE B 129 -5.85 9.39 5.20
CA ILE B 129 -4.94 9.96 4.22
C ILE B 129 -5.04 11.43 4.52
N VAL B 130 -3.89 12.09 4.55
CA VAL B 130 -3.90 13.49 4.88
C VAL B 130 -3.02 14.28 3.93
N GLY B 131 -2.53 13.63 2.88
CA GLY B 131 -1.69 14.36 1.96
C GLY B 131 -1.35 13.60 0.72
N PHE B 132 -0.97 14.32 -0.31
CA PHE B 132 -0.61 13.69 -1.55
C PHE B 132 0.73 14.09 -2.11
N LYS B 133 1.55 13.06 -2.34
CA LYS B 133 2.87 13.24 -2.90
C LYS B 133 2.67 12.77 -4.33
N GLY B 134 3.64 13.01 -5.20
CA GLY B 134 3.47 12.55 -6.56
C GLY B 134 4.41 13.23 -7.53
N ARG B 135 4.26 12.91 -8.81
CA ARG B 135 5.08 13.47 -9.86
C ARG B 135 4.21 13.78 -11.06
N THR B 136 4.37 14.97 -11.61
CA THR B 136 3.57 15.38 -12.75
C THR B 136 4.40 16.08 -13.80
N GLY B 137 4.26 15.63 -15.04
CA GLY B 137 4.99 16.23 -16.15
C GLY B 137 3.97 16.86 -17.07
N ASP B 138 3.79 16.25 -18.24
CA ASP B 138 2.79 16.74 -19.18
C ASP B 138 1.48 16.37 -18.52
N LEU B 139 1.51 15.26 -17.76
CA LEU B 139 0.35 14.75 -17.03
C LEU B 139 0.84 14.05 -15.76
N LEU B 140 -0.07 13.37 -15.05
CA LEU B 140 0.31 12.71 -13.78
C LEU B 140 1.15 11.44 -13.86
N ASP B 141 2.44 11.60 -13.58
CA ASP B 141 3.35 10.48 -13.60
C ASP B 141 3.10 9.50 -12.46
N ALA B 142 3.27 9.94 -11.22
CA ALA B 142 3.06 9.05 -10.08
C ALA B 142 2.28 9.70 -8.96
N ILE B 143 2.07 8.96 -7.88
CA ILE B 143 1.30 9.46 -6.76
C ILE B 143 1.60 8.69 -5.47
N GLY B 144 1.67 9.42 -4.37
CA GLY B 144 1.93 8.81 -3.08
C GLY B 144 1.05 9.50 -2.06
N ILE B 145 1.01 9.01 -0.83
CA ILE B 145 0.17 9.66 0.17
C ILE B 145 0.66 9.70 1.60
N HIS B 146 0.31 10.79 2.29
CA HIS B 146 0.67 10.97 3.68
C HIS B 146 -0.46 10.43 4.54
N MET B 147 -0.12 9.79 5.65
CA MET B 147 -1.15 9.27 6.54
C MET B 147 -0.92 9.57 8.01
N SER B 148 -2.00 9.54 8.78
CA SER B 148 -1.95 9.78 10.20
C SER B 148 -3.24 9.30 10.84
N LEU B 149 -3.26 9.22 12.17
CA LEU B 149 -4.44 8.77 12.91
C LEU B 149 -5.46 9.91 13.13
C1 MAN C . -7.46 -27.76 1.35
C2 MAN C . -7.82 -26.30 1.67
C3 MAN C . -8.41 -26.16 3.07
C4 MAN C . -9.56 -27.14 3.26
C5 MAN C . -9.09 -28.57 2.94
C6 MAN C . -10.19 -29.62 3.05
O1 MAN C . -6.42 -28.19 2.17
O2 MAN C . -8.74 -25.82 0.70
O3 MAN C . -8.90 -24.81 3.26
O4 MAN C . -10.02 -27.08 4.60
O5 MAN C . -8.59 -28.62 1.58
O6 MAN C . -11.43 -29.11 2.51
C1 MAN C . -12.41 -30.08 2.28
C2 MAN C . -13.59 -29.43 1.55
C3 MAN C . -14.27 -28.41 2.47
C4 MAN C . -14.64 -29.03 3.82
C5 MAN C . -13.46 -29.78 4.45
C6 MAN C . -13.88 -30.63 5.66
O2 MAN C . -14.51 -30.43 1.16
O3 MAN C . -15.47 -27.92 1.82
O4 MAN C . -15.07 -27.99 4.70
O5 MAN C . -12.87 -30.70 3.48
O6 MAN C . -14.48 -29.83 6.68
C1 MAN C . -15.34 -26.67 1.23
C2 MAN C . -16.65 -25.88 1.38
C3 MAN C . -17.75 -26.44 0.48
C4 MAN C . -17.25 -26.57 -0.96
C5 MAN C . -15.96 -27.39 -0.99
C6 MAN C . -15.36 -27.49 -2.38
O2 MAN C . -16.43 -24.51 1.07
O3 MAN C . -18.89 -25.59 0.52
O4 MAN C . -18.24 -27.22 -1.76
O5 MAN C . -14.97 -26.75 -0.15
O6 MAN C . -14.47 -26.40 -2.64
C1 MAN C . -8.32 -24.10 4.32
C2 MAN C . -9.32 -23.09 4.88
C3 MAN C . -9.63 -22.07 3.79
C4 MAN C . -8.34 -21.35 3.41
C5 MAN C . -7.28 -22.36 2.98
C6 MAN C . -5.92 -21.70 2.86
O2 MAN C . -8.72 -22.42 5.99
O3 MAN C . -10.60 -21.14 4.25
O4 MAN C . -8.62 -20.46 2.34
O5 MAN C . -7.12 -23.41 3.96
O6 MAN C . -5.31 -21.58 4.13
C1 MAN D . 5.11 13.71 -24.63
C2 MAN D . 5.70 13.36 -23.26
C3 MAN D . 6.19 14.60 -22.49
C4 MAN D . 7.08 15.46 -23.39
C5 MAN D . 6.42 15.71 -24.78
C6 MAN D . 7.64 16.04 -25.67
O1 MAN D . 3.95 14.47 -24.50
O2 MAN D . 6.78 12.45 -23.42
O3 MAN D . 6.95 14.18 -21.34
O4 MAN D . 7.33 16.70 -22.76
O5 MAN D . 6.06 14.47 -25.39
O6 MAN D . 8.82 15.26 -25.99
C1 MAN D . 6.71 14.88 -20.14
C2 MAN D . 7.97 14.91 -19.28
C3 MAN D . 8.31 13.48 -18.85
C4 MAN D . 7.13 12.83 -18.14
C5 MAN D . 5.83 12.98 -18.94
C6 MAN D . 4.63 12.64 -18.09
O2 MAN D . 7.75 15.71 -18.12
O3 MAN D . 9.44 13.51 -17.98
O4 MAN D . 7.40 11.45 -17.96
O5 MAN D . 5.64 14.34 -19.38
O6 MAN D . 3.96 13.82 -17.65
C1 MAN D . 9.38 16.24 -27.01
C2 MAN D . 10.21 15.25 -27.82
C3 MAN D . 11.38 14.69 -27.00
C4 MAN D . 12.18 15.82 -26.31
C5 MAN D . 11.25 16.77 -25.56
C6 MAN D . 11.98 17.97 -24.98
O2 MAN D . 10.69 15.86 -29.02
O3 MAN D . 12.25 13.95 -27.83
O4 MAN D . 13.11 15.25 -25.40
O5 MAN D . 10.23 17.26 -26.45
O6 MAN D . 11.82 19.14 -25.80
S SO4 E . -11.97 -14.15 11.60
O1 SO4 E . -12.22 -15.65 11.06
O2 SO4 E . -12.52 -13.02 10.87
O3 SO4 E . -11.68 -14.01 12.87
O4 SO4 E . -13.35 -14.39 11.92
S SO4 F . -10.24 7.61 18.53
O1 SO4 F . -9.26 6.75 19.49
O2 SO4 F . -11.50 6.89 18.55
O3 SO4 F . -10.34 8.84 18.97
O4 SO4 F . -9.63 7.47 17.23
S SO4 G . 12.75 16.37 -8.57
O1 SO4 G . 12.69 17.19 -9.98
O2 SO4 G . 11.90 16.82 -7.48
O3 SO4 G . 13.21 15.13 -8.58
O4 SO4 G . 11.51 15.93 -9.14
S SO4 H . -1.61 2.22 -24.47
O1 SO4 H . -1.33 1.08 -25.58
O2 SO4 H . -0.44 2.19 -23.61
O3 SO4 H . -1.81 3.38 -25.04
O4 SO4 H . -2.75 1.70 -23.76
S SO4 I . 15.85 11.39 -25.45
O1 SO4 I . 16.50 12.69 -26.01
O2 SO4 I . 14.40 11.76 -24.89
#